data_7E0C
#
_entry.id   7E0C
#
_cell.length_a   123.970
_cell.length_b   123.970
_cell.length_c   168.631
_cell.angle_alpha   90.00
_cell.angle_beta   90.00
_cell.angle_gamma   120.00
#
_symmetry.space_group_name_H-M   'P 61 2 2'
#
loop_
_entity.id
_entity.type
_entity.pdbx_description
1 polymer 'L-glutamate oxidase'
2 non-polymer 'FLAVIN-ADENINE DINUCLEOTIDE'
3 water water
#
_entity_poly.entity_id   1
_entity_poly.type   'polypeptide(L)'
_entity_poly.pdbx_seq_one_letter_code
;MNEMTYEQLARELLLVGPAPTNEDLKLRYLDVLIDNGLNPPGPPKRILIVGAGIAGLVAGDLLTRAGHDVTILEANANRV
GGRIKTFHAKKGEPSPFADPAQYAEAGAMRLPSFHPLTLALIDKLGLKRRLFFNVDIDPQTGNQDAPVPPVFYKSFKDGK
TWTNGAPSPEFKEPDKRNHTWIRTNREQVRRAQYATDPSSINEGFHLTGCETRLTVSDMVNQALEPVRDYYSVKQDDGTR
VNKPFKEWLAGWADVVRDFDGYSMGRFLREYAEFSDEAVEAIGTIENMTSELHLAFFHSFLGRSDIDPRATYWEIEGGSR
MLPETLAKDLRDQIVMGQRMVRLEYYDPGRDGHHGELTGPGGPAVAIQTVPEGEPYAATQTWTGDLAIVTIPFSSLRFVK
VTPPFSYKKRRAVIETHYDQATKVLLEFSRRWWEFTEADWKRELDAIAPGLYDYYQQWGEDDAEAALALPQSVRNLPTGL
LGAHPSVDESRIGEEQVEYYRNSELRGGVRPATNAYGGGSTTDNPNRFMYYPSHPVPGTQGGVVLAAYSWSDDAARWDSF
DDAERYGYALENLQSVHGRRIEVFYTGAGQTQSWLRDPYACGEAAVYTPHQMTAFHLDVVRPEGPVYFAGEHVSLKHAWI
EGAVETAVRAAIAVNEAPVGDTGVTAAAGRRGAAAATEPMREEALTS
;
_entity_poly.pdbx_strand_id   A
#
# COMPACT_ATOMS: atom_id res chain seq x y z
N GLU A 3 -12.03 -1.96 28.40
CA GLU A 3 -12.96 -3.09 28.30
C GLU A 3 -13.86 -2.96 27.06
N MET A 4 -14.63 -1.87 26.99
CA MET A 4 -15.33 -1.56 25.77
C MET A 4 -14.42 -0.95 24.71
N THR A 5 -13.27 -0.39 25.11
CA THR A 5 -12.26 -0.02 24.14
C THR A 5 -11.94 -1.18 23.22
N TYR A 6 -11.91 -2.40 23.76
CA TYR A 6 -11.50 -3.56 22.98
C TYR A 6 -12.58 -3.97 21.99
N GLU A 7 -13.84 -3.99 22.41
CA GLU A 7 -14.89 -4.36 21.45
C GLU A 7 -15.06 -3.29 20.39
N GLN A 8 -14.92 -2.01 20.77
CA GLN A 8 -15.06 -0.95 19.78
C GLN A 8 -13.89 -0.94 18.80
N LEU A 9 -12.70 -1.35 19.24
CA LEU A 9 -11.57 -1.44 18.33
C LEU A 9 -11.75 -2.60 17.35
N ALA A 10 -12.24 -3.73 17.83
CA ALA A 10 -12.53 -4.85 16.94
C ALA A 10 -13.62 -4.51 15.93
N ARG A 11 -14.59 -3.67 16.32
CA ARG A 11 -15.59 -3.23 15.36
C ARG A 11 -14.96 -2.32 14.30
N GLU A 12 -14.22 -1.30 14.74
CA GLU A 12 -13.48 -0.46 13.80
C GLU A 12 -12.61 -1.31 12.90
N LEU A 13 -12.01 -2.36 13.46
CA LEU A 13 -11.14 -3.22 12.68
C LEU A 13 -11.91 -4.04 11.66
N LEU A 14 -13.08 -4.56 12.06
CA LEU A 14 -13.84 -5.52 11.25
C LEU A 14 -14.92 -4.86 10.41
N LEU A 15 -15.01 -3.53 10.44
CA LEU A 15 -16.03 -2.78 9.71
C LEU A 15 -17.42 -3.27 10.09
N VAL A 16 -17.68 -3.24 11.40
CA VAL A 16 -18.94 -3.69 11.97
C VAL A 16 -19.62 -2.49 12.61
N GLY A 17 -20.89 -2.25 12.24
CA GLY A 17 -21.62 -1.14 12.76
C GLY A 17 -21.92 -1.30 14.25
N PRO A 18 -22.59 -0.30 14.82
CA PRO A 18 -22.92 -0.36 16.25
C PRO A 18 -23.97 -1.42 16.54
N ALA A 19 -23.95 -1.90 17.78
CA ALA A 19 -24.99 -2.79 18.25
C ALA A 19 -26.34 -2.07 18.23
N PRO A 20 -27.45 -2.80 18.07
CA PRO A 20 -27.50 -4.27 17.94
C PRO A 20 -27.63 -4.71 16.49
N THR A 21 -27.65 -3.76 15.57
CA THR A 21 -27.77 -4.11 14.16
C THR A 21 -26.50 -4.76 13.63
N ASN A 22 -25.33 -4.22 14.01
CA ASN A 22 -24.05 -4.78 13.62
C ASN A 22 -23.94 -4.93 12.10
N GLU A 23 -24.12 -3.80 11.42
CA GLU A 23 -24.13 -3.82 9.96
C GLU A 23 -22.72 -3.91 9.40
N ASP A 24 -22.63 -4.51 8.22
CA ASP A 24 -21.37 -4.63 7.50
C ASP A 24 -21.11 -3.31 6.78
N LEU A 25 -20.16 -2.52 7.30
CA LEU A 25 -19.89 -1.22 6.72
C LEU A 25 -19.34 -1.31 5.31
N LYS A 26 -18.56 -2.35 4.99
CA LYS A 26 -18.06 -2.47 3.63
C LYS A 26 -19.21 -2.66 2.64
N LEU A 27 -20.29 -3.32 3.05
CA LEU A 27 -21.50 -3.37 2.23
C LEU A 27 -22.06 -1.97 2.04
N ARG A 28 -22.22 -1.21 3.13
CA ARG A 28 -22.68 0.17 3.03
C ARG A 28 -21.76 1.01 2.14
N TYR A 29 -20.44 0.87 2.31
CA TYR A 29 -19.52 1.70 1.53
C TYR A 29 -19.59 1.34 0.05
N LEU A 30 -19.66 0.04 -0.27
CA LEU A 30 -19.81 -0.36 -1.66
C LEU A 30 -21.15 0.13 -2.21
N ASP A 31 -22.21 0.05 -1.41
CA ASP A 31 -23.50 0.60 -1.79
C ASP A 31 -23.36 2.06 -2.18
N VAL A 32 -22.87 2.89 -1.25
CA VAL A 32 -22.71 4.31 -1.51
C VAL A 32 -21.76 4.55 -2.68
N LEU A 33 -20.52 4.09 -2.55
CA LEU A 33 -19.48 4.53 -3.48
C LEU A 33 -19.74 4.05 -4.90
N ILE A 34 -20.21 2.82 -5.06
CA ILE A 34 -20.29 2.19 -6.38
C ILE A 34 -21.72 2.23 -6.93
N ASP A 35 -22.73 2.02 -6.08
CA ASP A 35 -24.09 1.75 -6.56
C ASP A 35 -24.91 3.04 -6.63
N ASN A 36 -25.21 3.63 -5.48
CA ASN A 36 -26.18 4.72 -5.41
C ASN A 36 -25.54 6.10 -5.47
N GLY A 37 -24.36 6.27 -4.91
CA GLY A 37 -23.97 7.58 -4.48
C GLY A 37 -24.57 7.79 -3.11
N LEU A 38 -24.40 9.00 -2.57
CA LEU A 38 -24.87 9.25 -1.22
C LEU A 38 -26.38 9.30 -1.16
N ASN A 39 -26.92 8.88 0.00
CA ASN A 39 -28.29 9.15 0.43
C ASN A 39 -28.61 10.59 0.05
N PRO A 40 -29.82 10.87 -0.39
CA PRO A 40 -30.26 12.24 -0.64
C PRO A 40 -29.69 13.20 0.41
N PRO A 41 -29.03 14.27 -0.04
CA PRO A 41 -28.30 15.14 0.90
C PRO A 41 -29.15 15.74 2.02
N GLY A 42 -30.26 16.38 1.69
CA GLY A 42 -30.98 17.16 2.66
C GLY A 42 -30.43 18.58 2.72
N PRO A 43 -29.60 18.88 3.72
CA PRO A 43 -28.87 20.15 3.72
C PRO A 43 -27.86 20.18 2.60
N PRO A 44 -27.90 21.17 1.71
CA PRO A 44 -26.74 21.44 0.84
C PRO A 44 -25.78 22.36 1.56
N LYS A 45 -24.54 21.92 1.76
CA LYS A 45 -23.62 22.70 2.58
C LYS A 45 -22.33 23.02 1.85
N ARG A 46 -21.55 23.87 2.50
CA ARG A 46 -20.28 24.36 2.01
C ARG A 46 -19.18 23.56 2.73
N ILE A 47 -18.52 22.67 2.00
CA ILE A 47 -17.60 21.69 2.58
C ILE A 47 -16.17 21.97 2.11
N LEU A 48 -15.25 22.13 3.04
CA LEU A 48 -13.83 22.27 2.76
C LEU A 48 -13.13 20.92 2.96
N ILE A 49 -12.50 20.42 1.91
CA ILE A 49 -11.73 19.18 1.97
C ILE A 49 -10.26 19.53 1.81
N VAL A 50 -9.42 19.03 2.71
CA VAL A 50 -8.00 19.32 2.68
C VAL A 50 -7.25 18.10 2.18
N GLY A 51 -6.63 18.23 1.02
CA GLY A 51 -5.79 17.16 0.50
C GLY A 51 -6.44 16.46 -0.67
N ALA A 52 -5.72 16.37 -1.78
CA ALA A 52 -6.19 15.72 -2.99
C ALA A 52 -5.46 14.40 -3.24
N GLY A 53 -5.22 13.64 -2.17
CA GLY A 53 -4.92 12.24 -2.31
C GLY A 53 -6.21 11.49 -2.58
N ILE A 54 -6.12 10.16 -2.55
CA ILE A 54 -7.30 9.38 -2.92
C ILE A 54 -8.45 9.62 -1.94
N ALA A 55 -8.15 9.88 -0.67
CA ALA A 55 -9.23 10.10 0.29
C ALA A 55 -10.00 11.35 -0.05
N GLY A 56 -9.31 12.48 -0.27
CA GLY A 56 -10.00 13.72 -0.56
C GLY A 56 -10.75 13.68 -1.88
N LEU A 57 -10.16 13.01 -2.89
CA LEU A 57 -10.81 12.91 -4.19
C LEU A 57 -12.06 12.03 -4.13
N VAL A 58 -12.04 10.95 -3.34
CA VAL A 58 -13.22 10.10 -3.21
C VAL A 58 -14.32 10.83 -2.45
N ALA A 59 -13.95 11.49 -1.35
CA ALA A 59 -14.95 12.20 -0.57
C ALA A 59 -15.54 13.36 -1.36
N GLY A 60 -14.68 14.14 -2.02
CA GLY A 60 -15.17 15.29 -2.76
C GLY A 60 -16.02 14.90 -3.94
N ASP A 61 -15.67 13.79 -4.61
CA ASP A 61 -16.46 13.37 -5.75
C ASP A 61 -17.83 12.88 -5.32
N LEU A 62 -17.91 12.23 -4.16
CA LEU A 62 -19.21 11.84 -3.61
C LEU A 62 -20.02 13.08 -3.22
N LEU A 63 -19.46 13.92 -2.36
CA LEU A 63 -20.23 15.03 -1.80
C LEU A 63 -20.65 16.02 -2.87
N THR A 64 -19.83 16.19 -3.92
CA THR A 64 -20.19 17.10 -4.99
C THR A 64 -21.37 16.56 -5.79
N ARG A 65 -21.28 15.30 -6.21
CA ARG A 65 -22.39 14.69 -6.93
C ARG A 65 -23.68 14.67 -6.12
N ALA A 66 -23.62 14.93 -4.82
CA ALA A 66 -24.81 15.07 -3.98
C ALA A 66 -25.23 16.52 -3.80
N GLY A 67 -24.63 17.45 -4.54
CA GLY A 67 -25.09 18.82 -4.58
C GLY A 67 -24.41 19.78 -3.64
N HIS A 68 -23.60 19.28 -2.71
CA HIS A 68 -22.91 20.18 -1.79
C HIS A 68 -21.92 21.04 -2.54
N ASP A 69 -21.53 22.15 -1.91
CA ASP A 69 -20.56 23.09 -2.49
C ASP A 69 -19.20 22.75 -1.90
N VAL A 70 -18.37 22.09 -2.70
CA VAL A 70 -17.16 21.44 -2.21
C VAL A 70 -15.93 22.17 -2.77
N THR A 71 -14.95 22.43 -1.90
CA THR A 71 -13.64 22.91 -2.33
C THR A 71 -12.57 22.00 -1.78
N ILE A 72 -11.70 21.50 -2.65
CA ILE A 72 -10.56 20.65 -2.27
C ILE A 72 -9.28 21.48 -2.36
N LEU A 73 -8.62 21.68 -1.23
CA LEU A 73 -7.37 22.43 -1.16
C LEU A 73 -6.19 21.46 -1.19
N GLU A 74 -5.31 21.61 -2.17
CA GLU A 74 -4.19 20.71 -2.38
C GLU A 74 -2.87 21.48 -2.35
N ALA A 75 -1.98 21.07 -1.45
CA ALA A 75 -0.74 21.81 -1.28
C ALA A 75 0.17 21.68 -2.49
N ASN A 76 0.24 20.49 -3.07
CA ASN A 76 1.09 20.27 -4.24
C ASN A 76 0.64 21.18 -5.37
N ALA A 77 1.59 21.88 -6.01
CA ALA A 77 1.20 22.81 -7.05
C ALA A 77 1.04 22.15 -8.41
N ASN A 78 1.53 20.91 -8.60
CA ASN A 78 1.49 20.27 -9.91
C ASN A 78 0.77 18.93 -9.95
N ARG A 79 0.48 18.31 -8.82
CA ARG A 79 0.09 16.91 -8.86
C ARG A 79 -0.96 16.59 -7.81
N VAL A 80 -1.93 15.77 -8.19
CA VAL A 80 -2.86 15.18 -7.24
C VAL A 80 -2.47 13.72 -7.04
N GLY A 81 -3.17 13.05 -6.13
CA GLY A 81 -2.94 11.65 -5.88
C GLY A 81 -2.09 11.34 -4.68
N GLY A 82 -1.26 12.30 -4.23
CA GLY A 82 -0.50 12.14 -3.01
C GLY A 82 0.47 10.99 -3.06
N ARG A 83 0.29 9.98 -2.22
CA ARG A 83 1.16 8.82 -2.22
C ARG A 83 0.86 7.84 -3.33
N ILE A 84 -0.06 8.18 -4.24
CA ILE A 84 -0.22 7.49 -5.51
C ILE A 84 0.50 8.31 -6.55
N LYS A 85 1.64 7.83 -7.02
CA LYS A 85 2.52 8.65 -7.83
C LYS A 85 3.20 7.76 -8.84
N THR A 86 2.98 8.05 -10.11
CA THR A 86 3.61 7.34 -11.22
C THR A 86 4.55 8.30 -11.92
N PHE A 87 5.79 7.86 -12.10
CA PHE A 87 6.70 8.56 -13.00
C PHE A 87 6.25 8.31 -14.44
N HIS A 88 6.06 9.38 -15.21
CA HIS A 88 5.69 9.23 -16.61
C HIS A 88 6.04 10.52 -17.33
N ALA A 89 6.06 10.44 -18.66
CA ALA A 89 6.31 11.61 -19.49
C ALA A 89 5.16 12.62 -19.38
N LYS A 90 5.52 13.86 -19.07
CA LYS A 90 4.58 14.99 -19.02
C LYS A 90 4.86 15.91 -20.19
N LYS A 91 3.79 16.53 -20.71
CA LYS A 91 3.91 17.31 -21.94
C LYS A 91 4.84 18.51 -21.77
N GLY A 92 4.77 19.17 -20.62
CA GLY A 92 5.72 20.24 -20.36
C GLY A 92 7.13 19.72 -20.18
N GLU A 93 7.31 18.91 -19.13
CA GLU A 93 8.63 18.45 -18.68
C GLU A 93 9.24 17.43 -19.64
N PRO A 94 10.53 17.04 -19.42
CA PRO A 94 11.09 15.88 -20.14
C PRO A 94 10.55 14.55 -19.65
N SER A 95 11.00 13.43 -20.30
CA SER A 95 10.44 12.19 -19.78
C SER A 95 11.33 11.63 -18.69
N PRO A 96 10.76 10.87 -17.74
CA PRO A 96 11.59 10.33 -16.66
C PRO A 96 12.64 9.35 -17.15
N PHE A 97 12.34 8.59 -18.19
CA PHE A 97 13.24 7.57 -18.71
C PHE A 97 13.61 7.87 -20.16
N ALA A 98 14.64 7.15 -20.65
CA ALA A 98 15.09 7.34 -22.03
C ALA A 98 14.01 7.00 -23.04
N ASP A 99 13.11 6.08 -22.69
CA ASP A 99 11.99 5.76 -23.56
C ASP A 99 10.77 6.51 -23.06
N PRO A 100 10.27 7.50 -23.82
CA PRO A 100 9.17 8.34 -23.32
C PRO A 100 7.90 7.58 -23.02
N ALA A 101 7.77 6.37 -23.54
CA ALA A 101 6.63 5.53 -23.23
C ALA A 101 6.75 4.86 -21.88
N GLN A 102 7.96 4.76 -21.34
CA GLN A 102 8.15 4.03 -20.09
C GLN A 102 7.59 4.81 -18.90
N TYR A 103 7.00 4.07 -17.97
CA TYR A 103 6.57 4.63 -16.69
C TYR A 103 6.88 3.63 -15.59
N ALA A 104 6.78 4.09 -14.35
CA ALA A 104 7.02 3.23 -13.19
C ALA A 104 6.40 3.89 -11.96
N GLU A 105 6.13 3.07 -10.94
N GLU A 105 6.24 3.09 -10.91
CA GLU A 105 5.46 3.56 -9.75
CA GLU A 105 5.54 3.47 -9.70
C GLU A 105 6.45 4.15 -8.75
C GLU A 105 6.48 4.14 -8.72
N ALA A 106 6.05 5.26 -8.14
CA ALA A 106 6.77 5.88 -7.03
C ALA A 106 6.16 5.53 -5.70
N GLY A 107 4.84 5.31 -5.68
CA GLY A 107 4.06 4.97 -4.50
C GLY A 107 3.31 3.66 -4.69
N ALA A 108 1.98 3.67 -4.47
CA ALA A 108 1.19 2.45 -4.56
C ALA A 108 1.32 1.78 -5.92
N MET A 109 1.36 0.44 -5.93
CA MET A 109 1.55 -0.29 -7.18
C MET A 109 0.68 -1.52 -7.33
N ARG A 110 0.08 -2.05 -6.27
CA ARG A 110 -0.66 -3.30 -6.38
C ARG A 110 -1.89 -3.25 -5.50
N LEU A 111 -2.98 -3.85 -6.00
CA LEU A 111 -4.28 -3.80 -5.36
C LEU A 111 -4.80 -5.21 -5.16
N PRO A 112 -5.01 -5.65 -3.93
CA PRO A 112 -5.47 -7.03 -3.69
C PRO A 112 -6.96 -7.23 -3.97
N SER A 113 -7.28 -8.47 -4.37
N SER A 113 -7.29 -8.47 -4.36
CA SER A 113 -8.68 -8.83 -4.63
CA SER A 113 -8.67 -8.84 -4.63
C SER A 113 -9.54 -8.73 -3.38
C SER A 113 -9.54 -8.73 -3.38
N PHE A 114 -8.94 -8.86 -2.20
CA PHE A 114 -9.70 -8.68 -0.97
C PHE A 114 -9.85 -7.22 -0.58
N HIS A 115 -9.59 -6.28 -1.49
CA HIS A 115 -9.86 -4.86 -1.27
C HIS A 115 -10.90 -4.43 -2.31
N PRO A 116 -12.19 -4.69 -2.04
CA PRO A 116 -13.20 -4.57 -3.10
C PRO A 116 -13.56 -3.13 -3.45
N LEU A 117 -13.68 -2.25 -2.45
CA LEU A 117 -14.01 -0.85 -2.69
C LEU A 117 -13.12 -0.25 -3.78
N THR A 118 -11.81 -0.42 -3.64
CA THR A 118 -10.87 0.19 -4.57
C THR A 118 -10.99 -0.40 -5.96
N LEU A 119 -10.97 -1.74 -6.04
CA LEU A 119 -11.08 -2.42 -7.33
C LEU A 119 -12.38 -2.04 -8.03
N ALA A 120 -13.50 -2.12 -7.32
CA ALA A 120 -14.77 -1.69 -7.90
C ALA A 120 -14.69 -0.24 -8.37
N LEU A 121 -14.10 0.64 -7.55
CA LEU A 121 -13.97 2.03 -7.95
C LEU A 121 -13.20 2.14 -9.27
N ILE A 122 -12.12 1.39 -9.42
CA ILE A 122 -11.34 1.44 -10.64
C ILE A 122 -12.18 1.00 -11.82
N ASP A 123 -12.99 -0.05 -11.63
CA ASP A 123 -13.84 -0.55 -12.69
C ASP A 123 -14.91 0.48 -13.06
N LYS A 124 -15.62 1.01 -12.06
CA LYS A 124 -16.66 2.01 -12.32
C LYS A 124 -16.10 3.22 -13.04
N LEU A 125 -14.86 3.62 -12.74
CA LEU A 125 -14.27 4.74 -13.49
C LEU A 125 -13.89 4.36 -14.90
N GLY A 126 -14.26 3.15 -15.34
CA GLY A 126 -13.93 2.75 -16.70
C GLY A 126 -12.45 2.56 -16.92
N LEU A 127 -11.70 2.26 -15.87
CA LEU A 127 -10.27 2.04 -15.98
C LEU A 127 -9.96 0.56 -16.15
N LYS A 128 -8.84 0.27 -16.79
CA LYS A 128 -8.43 -1.09 -17.08
C LYS A 128 -7.46 -1.59 -16.01
N ARG A 129 -7.62 -2.86 -15.62
CA ARG A 129 -6.67 -3.49 -14.72
C ARG A 129 -6.12 -4.78 -15.30
N ARG A 130 -4.82 -5.00 -15.10
CA ARG A 130 -4.12 -6.24 -15.38
C ARG A 130 -3.76 -6.91 -14.06
N LEU A 131 -3.33 -8.16 -14.14
CA LEU A 131 -2.85 -8.84 -12.96
C LEU A 131 -1.50 -8.26 -12.54
N PHE A 132 -1.31 -8.12 -11.23
CA PHE A 132 -0.01 -7.80 -10.67
C PHE A 132 0.58 -9.10 -10.12
N PHE A 133 1.71 -9.52 -10.66
CA PHE A 133 2.31 -10.80 -10.28
C PHE A 133 3.17 -10.58 -9.06
N ASN A 134 2.61 -10.88 -7.89
CA ASN A 134 3.39 -10.89 -6.66
C ASN A 134 4.49 -11.95 -6.72
N VAL A 135 4.18 -13.09 -7.34
CA VAL A 135 5.14 -14.16 -7.62
C VAL A 135 5.27 -14.29 -9.13
N ASP A 136 6.48 -14.60 -9.58
CA ASP A 136 6.73 -14.69 -11.01
C ASP A 136 6.02 -15.90 -11.61
N ILE A 137 5.50 -15.74 -12.83
CA ILE A 137 4.56 -16.67 -13.42
C ILE A 137 5.18 -17.37 -14.62
N ASP A 138 4.55 -18.49 -15.01
CA ASP A 138 4.78 -19.15 -16.30
C ASP A 138 3.93 -18.46 -17.35
N PRO A 139 4.53 -17.77 -18.31
CA PRO A 139 3.72 -16.93 -19.23
C PRO A 139 2.93 -17.74 -20.24
N GLN A 140 3.21 -19.03 -20.40
CA GLN A 140 2.42 -19.90 -21.27
C GLN A 140 1.41 -20.73 -20.48
N THR A 141 0.82 -20.13 -19.45
CA THR A 141 -0.26 -20.75 -18.68
C THR A 141 -1.34 -19.71 -18.47
N GLY A 142 -2.55 -20.19 -18.18
CA GLY A 142 -3.67 -19.29 -17.97
C GLY A 142 -4.09 -18.59 -19.25
N ASN A 143 -5.13 -17.78 -19.14
CA ASN A 143 -5.64 -17.01 -20.26
C ASN A 143 -6.07 -15.64 -19.75
N GLN A 144 -5.23 -14.62 -20.01
CA GLN A 144 -5.54 -13.27 -19.58
C GLN A 144 -6.28 -12.47 -20.65
N ASP A 145 -6.50 -13.05 -21.84
CA ASP A 145 -7.23 -12.36 -22.90
C ASP A 145 -8.67 -12.07 -22.50
N ALA A 146 -9.29 -12.99 -21.76
CA ALA A 146 -10.66 -12.84 -21.34
C ALA A 146 -10.84 -11.57 -20.50
N PRO A 147 -12.06 -11.03 -20.47
CA PRO A 147 -12.33 -9.91 -19.53
C PRO A 147 -12.00 -10.31 -18.11
N VAL A 148 -11.52 -9.34 -17.34
CA VAL A 148 -11.14 -9.60 -15.94
C VAL A 148 -12.38 -10.06 -15.19
N PRO A 149 -12.22 -10.90 -14.18
CA PRO A 149 -13.37 -11.31 -13.38
C PRO A 149 -13.95 -10.11 -12.66
N PRO A 150 -15.23 -10.15 -12.30
CA PRO A 150 -15.81 -9.06 -11.52
C PRO A 150 -15.27 -9.06 -10.10
N VAL A 151 -15.54 -7.96 -9.42
CA VAL A 151 -15.18 -7.81 -8.02
C VAL A 151 -16.20 -8.53 -7.17
N PHE A 152 -15.75 -9.44 -6.33
CA PHE A 152 -16.64 -10.16 -5.43
C PHE A 152 -16.25 -9.90 -3.98
N TYR A 153 -17.27 -9.69 -3.15
CA TYR A 153 -17.10 -9.52 -1.71
C TYR A 153 -18.15 -10.36 -1.02
N LYS A 154 -17.72 -11.21 -0.10
CA LYS A 154 -18.63 -11.99 0.74
C LYS A 154 -18.70 -11.33 2.11
N SER A 155 -19.87 -10.83 2.48
CA SER A 155 -20.03 -10.20 3.78
C SER A 155 -19.92 -11.23 4.90
N PHE A 156 -19.68 -10.74 6.11
CA PHE A 156 -19.68 -11.63 7.26
C PHE A 156 -21.08 -12.04 7.68
N LYS A 157 -22.11 -11.62 6.95
CA LYS A 157 -23.49 -11.73 7.40
C LYS A 157 -24.21 -12.89 6.68
N ASP A 158 -25.53 -12.79 6.59
CA ASP A 158 -26.40 -13.93 6.28
C ASP A 158 -26.45 -14.10 4.77
N GLY A 159 -25.54 -14.90 4.23
CA GLY A 159 -25.47 -15.13 2.82
C GLY A 159 -25.54 -13.89 1.97
N LYS A 160 -25.02 -12.79 2.51
CA LYS A 160 -25.03 -11.51 1.83
C LYS A 160 -23.73 -11.37 1.05
N THR A 161 -23.83 -11.20 -0.25
CA THR A 161 -22.66 -11.01 -1.08
C THR A 161 -22.84 -9.77 -1.94
N TRP A 162 -21.73 -9.20 -2.34
CA TRP A 162 -21.72 -8.08 -3.26
C TRP A 162 -20.87 -8.45 -4.46
N THR A 163 -21.24 -7.97 -5.64
CA THR A 163 -20.34 -8.16 -6.77
C THR A 163 -20.55 -7.08 -7.82
N ASN A 164 -19.59 -7.03 -8.73
CA ASN A 164 -19.43 -5.98 -9.73
C ASN A 164 -20.14 -6.30 -11.03
N GLY A 165 -20.26 -7.58 -11.36
CA GLY A 165 -20.80 -8.00 -12.63
C GLY A 165 -20.80 -9.50 -12.72
N ALA A 166 -21.07 -10.01 -13.93
CA ALA A 166 -21.16 -11.45 -14.13
C ALA A 166 -19.76 -12.07 -14.13
N PRO A 167 -19.65 -13.33 -13.70
CA PRO A 167 -18.35 -14.00 -13.72
C PRO A 167 -17.79 -14.07 -15.14
N SER A 168 -16.48 -14.33 -15.19
CA SER A 168 -15.74 -14.44 -16.45
C SER A 168 -14.95 -15.74 -16.39
N PRO A 169 -15.61 -16.87 -16.57
CA PRO A 169 -14.98 -18.17 -16.27
C PRO A 169 -13.79 -18.50 -17.16
N GLU A 170 -13.72 -17.93 -18.36
CA GLU A 170 -12.61 -18.17 -19.28
C GLU A 170 -11.31 -17.48 -18.86
N PHE A 171 -11.35 -16.64 -17.82
CA PHE A 171 -10.17 -15.93 -17.34
C PHE A 171 -9.41 -16.83 -16.38
N LYS A 172 -8.12 -17.06 -16.65
CA LYS A 172 -7.27 -17.94 -15.85
C LYS A 172 -5.98 -17.23 -15.49
N GLU A 173 -5.65 -17.19 -14.20
CA GLU A 173 -4.37 -16.65 -13.76
C GLU A 173 -3.23 -17.58 -14.19
N PRO A 174 -2.10 -17.04 -14.63
CA PRO A 174 -0.95 -17.88 -14.93
C PRO A 174 -0.50 -18.67 -13.70
N ASP A 175 0.27 -19.72 -13.93
CA ASP A 175 0.81 -20.55 -12.85
C ASP A 175 2.03 -19.90 -12.23
N LYS A 176 2.06 -19.85 -10.90
CA LYS A 176 3.27 -19.42 -10.20
C LYS A 176 4.43 -20.35 -10.51
N ARG A 177 5.56 -19.76 -10.89
CA ARG A 177 6.76 -20.49 -11.30
C ARG A 177 7.91 -20.38 -10.31
N ASN A 178 7.94 -19.30 -9.51
CA ASN A 178 8.93 -19.09 -8.47
C ASN A 178 10.35 -19.29 -8.96
N HIS A 179 10.64 -18.72 -10.13
CA HIS A 179 11.96 -18.79 -10.71
C HIS A 179 12.87 -17.66 -10.21
N THR A 180 12.35 -16.75 -9.38
CA THR A 180 13.09 -15.60 -8.88
C THR A 180 13.94 -15.97 -7.66
N TRP A 181 14.79 -15.02 -7.26
CA TRP A 181 15.91 -15.28 -6.36
C TRP A 181 15.65 -14.86 -4.91
N ILE A 182 16.29 -15.58 -3.99
CA ILE A 182 16.53 -15.12 -2.63
C ILE A 182 18.04 -15.13 -2.44
N ARG A 183 18.63 -13.98 -2.18
CA ARG A 183 20.07 -13.89 -1.98
C ARG A 183 20.34 -13.31 -0.61
N THR A 184 20.63 -14.16 0.36
CA THR A 184 20.90 -13.76 1.73
C THR A 184 22.21 -14.36 2.18
N ASN A 185 22.99 -13.59 2.94
CA ASN A 185 24.23 -14.11 3.54
C ASN A 185 25.20 -14.62 2.46
N ARG A 186 25.23 -13.94 1.31
CA ARG A 186 26.10 -14.22 0.18
C ARG A 186 25.81 -15.55 -0.51
N GLU A 187 24.70 -16.20 -0.22
CA GLU A 187 24.26 -17.34 -1.00
C GLU A 187 22.90 -17.03 -1.63
N GLN A 188 22.55 -17.81 -2.64
CA GLN A 188 21.47 -17.44 -3.54
C GLN A 188 20.75 -18.70 -4.02
N VAL A 189 19.42 -18.69 -4.03
CA VAL A 189 18.64 -19.83 -4.54
C VAL A 189 17.36 -19.31 -5.20
N ARG A 190 16.81 -20.12 -6.11
CA ARG A 190 15.49 -19.78 -6.60
C ARG A 190 14.49 -19.93 -5.46
N ARG A 191 13.36 -19.25 -5.59
CA ARG A 191 12.32 -19.40 -4.57
C ARG A 191 11.75 -20.80 -4.58
N ALA A 192 11.64 -21.42 -5.77
CA ALA A 192 11.14 -22.78 -5.85
C ALA A 192 12.05 -23.74 -5.09
N GLN A 193 13.37 -23.53 -5.20
CA GLN A 193 14.33 -24.32 -4.44
C GLN A 193 14.22 -24.04 -2.95
N TYR A 194 14.02 -22.78 -2.57
CA TYR A 194 13.85 -22.49 -1.15
C TYR A 194 12.58 -23.13 -0.59
N ALA A 195 11.51 -23.19 -1.39
CA ALA A 195 10.25 -23.72 -0.88
C ALA A 195 10.35 -25.20 -0.56
N THR A 196 11.08 -25.96 -1.36
CA THR A 196 11.17 -27.39 -1.14
C THR A 196 12.31 -27.78 -0.19
N ASP A 197 13.37 -26.97 -0.12
CA ASP A 197 14.50 -27.24 0.76
C ASP A 197 14.93 -25.93 1.42
N PRO A 198 14.12 -25.40 2.34
CA PRO A 198 14.49 -24.14 2.99
C PRO A 198 15.77 -24.20 3.79
N SER A 199 16.28 -25.39 4.09
CA SER A 199 17.54 -25.52 4.80
C SER A 199 18.67 -24.75 4.10
N SER A 200 18.64 -24.65 2.78
CA SER A 200 19.74 -24.04 2.04
C SER A 200 19.93 -22.58 2.44
N ILE A 201 18.84 -21.82 2.51
CA ILE A 201 18.91 -20.44 2.94
C ILE A 201 18.90 -20.34 4.46
N ASN A 202 18.07 -21.14 5.15
CA ASN A 202 17.90 -20.98 6.58
C ASN A 202 19.20 -21.23 7.36
N GLU A 203 20.02 -22.18 6.91
CA GLU A 203 21.29 -22.40 7.59
C GLU A 203 22.20 -21.18 7.49
N GLY A 204 22.03 -20.38 6.43
CA GLY A 204 22.79 -19.14 6.34
C GLY A 204 22.50 -18.18 7.46
N PHE A 205 21.29 -18.22 8.00
CA PHE A 205 20.92 -17.39 9.14
C PHE A 205 21.24 -18.08 10.46
N HIS A 206 21.97 -19.20 10.42
CA HIS A 206 22.36 -19.96 11.62
C HIS A 206 21.16 -20.58 12.33
N LEU A 207 20.14 -20.96 11.57
CA LEU A 207 19.01 -21.68 12.11
C LEU A 207 19.37 -23.13 12.42
N THR A 208 18.82 -23.66 13.51
CA THR A 208 19.08 -25.04 13.87
C THR A 208 17.78 -25.76 14.17
N GLY A 209 17.84 -27.08 14.09
CA GLY A 209 16.73 -27.88 14.58
C GLY A 209 15.50 -27.78 13.70
N CYS A 210 14.35 -27.99 14.32
CA CYS A 210 13.06 -27.94 13.63
C CYS A 210 12.96 -26.69 12.74
N GLU A 211 13.37 -25.54 13.27
CA GLU A 211 13.19 -24.27 12.56
C GLU A 211 13.83 -24.32 11.17
N THR A 212 14.96 -25.03 11.02
CA THR A 212 15.73 -24.97 9.78
C THR A 212 14.98 -25.47 8.57
N ARG A 213 14.08 -26.44 8.75
CA ARG A 213 13.41 -27.07 7.62
C ARG A 213 12.09 -26.40 7.27
N LEU A 214 11.78 -25.27 7.89
CA LEU A 214 10.56 -24.54 7.57
C LEU A 214 10.92 -23.29 6.78
N THR A 215 10.11 -22.98 5.77
CA THR A 215 10.19 -21.64 5.23
C THR A 215 9.75 -20.66 6.30
N VAL A 216 10.21 -19.42 6.17
CA VAL A 216 9.80 -18.41 7.14
C VAL A 216 8.27 -18.18 7.06
N SER A 217 7.66 -18.38 5.89
N SER A 217 7.65 -18.43 5.91
CA SER A 217 6.20 -18.30 5.79
CA SER A 217 6.19 -18.28 5.81
C SER A 217 5.53 -19.30 6.71
C SER A 217 5.48 -19.32 6.67
N ASP A 218 5.94 -20.57 6.63
CA ASP A 218 5.40 -21.59 7.52
C ASP A 218 5.59 -21.23 8.97
N MET A 219 6.82 -20.82 9.33
CA MET A 219 7.13 -20.39 10.69
C MET A 219 6.13 -19.35 11.16
N VAL A 220 5.84 -18.37 10.30
CA VAL A 220 4.93 -17.30 10.67
C VAL A 220 3.51 -17.82 10.81
N ASN A 221 3.06 -18.64 9.86
CA ASN A 221 1.68 -19.11 9.91
C ASN A 221 1.45 -20.06 11.08
N GLN A 222 2.47 -20.83 11.47
CA GLN A 222 2.30 -21.69 12.63
C GLN A 222 2.24 -20.86 13.90
N ALA A 223 3.05 -19.80 13.98
CA ALA A 223 3.01 -18.93 15.14
C ALA A 223 1.67 -18.23 15.29
N LEU A 224 0.94 -18.07 14.20
CA LEU A 224 -0.31 -17.33 14.25
C LEU A 224 -1.53 -18.22 14.45
N GLU A 225 -1.42 -19.52 14.23
CA GLU A 225 -2.58 -20.39 14.32
C GLU A 225 -3.28 -20.28 15.68
N PRO A 226 -2.59 -20.30 16.82
CA PRO A 226 -3.32 -20.10 18.09
C PRO A 226 -4.00 -18.75 18.19
N VAL A 227 -3.50 -17.72 17.49
CA VAL A 227 -4.17 -16.44 17.49
C VAL A 227 -5.43 -16.48 16.64
N ARG A 228 -5.33 -17.05 15.43
CA ARG A 228 -6.49 -17.22 14.58
C ARG A 228 -7.61 -17.98 15.30
N ASP A 229 -7.24 -18.86 16.23
CA ASP A 229 -8.22 -19.64 16.98
C ASP A 229 -9.14 -18.77 17.85
N TYR A 230 -8.72 -17.55 18.18
CA TYR A 230 -9.56 -16.69 19.01
C TYR A 230 -10.94 -16.47 18.38
N TYR A 231 -10.98 -16.33 17.06
CA TYR A 231 -12.18 -15.94 16.35
C TYR A 231 -12.60 -16.93 15.28
N SER A 232 -11.78 -17.93 14.98
CA SER A 232 -12.09 -18.87 13.93
C SER A 232 -11.73 -20.28 14.37
N VAL A 233 -12.31 -21.25 13.65
CA VAL A 233 -11.97 -22.66 13.77
C VAL A 233 -11.50 -23.12 12.40
N LYS A 234 -10.42 -23.89 12.38
CA LYS A 234 -10.01 -24.50 11.12
C LYS A 234 -10.91 -25.69 10.81
N GLN A 235 -11.32 -25.78 9.54
CA GLN A 235 -12.19 -26.85 9.07
C GLN A 235 -11.45 -28.20 9.12
N ASP A 236 -12.16 -29.22 8.70
CA ASP A 236 -11.69 -30.57 8.43
C ASP A 236 -10.69 -30.62 7.31
N ASP A 237 -10.49 -29.49 6.62
CA ASP A 237 -9.94 -29.51 5.27
C ASP A 237 -8.41 -29.65 5.24
N GLY A 238 -7.65 -28.77 5.91
CA GLY A 238 -8.11 -27.72 6.80
C GLY A 238 -8.02 -26.30 6.25
N THR A 239 -9.18 -25.72 6.01
CA THR A 239 -9.33 -24.29 5.83
C THR A 239 -9.89 -23.71 7.12
N ARG A 240 -9.90 -22.39 7.22
CA ARG A 240 -10.43 -21.72 8.40
C ARG A 240 -11.86 -21.28 8.13
N VAL A 241 -12.72 -21.42 9.15
CA VAL A 241 -14.08 -20.88 9.14
C VAL A 241 -14.25 -19.98 10.34
N ASN A 242 -14.75 -18.77 10.12
CA ASN A 242 -15.01 -17.86 11.22
C ASN A 242 -16.10 -18.42 12.12
N LYS A 243 -15.88 -18.32 13.44
CA LYS A 243 -16.92 -18.66 14.40
C LYS A 243 -18.17 -17.82 14.15
N PRO A 244 -19.32 -18.22 14.71
CA PRO A 244 -20.51 -17.39 14.64
C PRO A 244 -20.29 -15.99 15.20
N PHE A 245 -21.12 -15.05 14.76
CA PHE A 245 -20.84 -13.62 14.88
C PHE A 245 -20.34 -13.23 16.26
N LYS A 246 -21.04 -13.64 17.31
CA LYS A 246 -20.79 -13.07 18.63
C LYS A 246 -19.35 -13.36 19.07
N GLU A 247 -18.99 -14.65 19.18
CA GLU A 247 -17.65 -14.99 19.64
C GLU A 247 -16.61 -14.86 18.54
N TRP A 248 -17.03 -14.73 17.28
CA TRP A 248 -16.14 -14.18 16.26
C TRP A 248 -15.73 -12.75 16.62
N LEU A 249 -16.67 -11.94 17.08
CA LEU A 249 -16.38 -10.56 17.44
C LEU A 249 -15.71 -10.48 18.81
N ALA A 250 -16.20 -11.27 19.76
CA ALA A 250 -15.55 -11.32 21.08
C ALA A 250 -14.17 -11.96 21.02
N GLY A 251 -13.91 -12.81 20.03
CA GLY A 251 -12.58 -13.36 19.88
C GLY A 251 -11.60 -12.32 19.41
N TRP A 252 -11.96 -11.59 18.34
CA TRP A 252 -11.12 -10.51 17.85
C TRP A 252 -10.86 -9.46 18.93
N ALA A 253 -11.86 -9.17 19.75
CA ALA A 253 -11.65 -8.17 20.79
C ALA A 253 -10.66 -8.64 21.83
N ASP A 254 -10.56 -9.96 22.06
CA ASP A 254 -9.55 -10.45 22.98
C ASP A 254 -8.17 -10.56 22.33
N VAL A 255 -8.11 -10.73 21.01
CA VAL A 255 -6.84 -10.55 20.31
C VAL A 255 -6.27 -9.17 20.60
N VAL A 256 -7.11 -8.15 20.46
CA VAL A 256 -6.69 -6.78 20.71
C VAL A 256 -6.25 -6.64 22.16
N ARG A 257 -7.00 -7.23 23.09
CA ARG A 257 -6.66 -7.13 24.50
C ARG A 257 -5.36 -7.87 24.80
N ASP A 258 -5.17 -9.04 24.19
CA ASP A 258 -4.04 -9.88 24.58
C ASP A 258 -2.73 -9.46 23.91
N PHE A 259 -2.79 -8.92 22.69
CA PHE A 259 -1.59 -8.79 21.87
C PHE A 259 -1.21 -7.36 21.48
N ASP A 260 -1.99 -6.33 21.85
CA ASP A 260 -1.67 -4.99 21.34
C ASP A 260 -0.38 -4.44 21.93
N GLY A 261 -0.06 -4.81 23.17
CA GLY A 261 1.20 -4.47 23.76
C GLY A 261 2.38 -5.26 23.26
N TYR A 262 2.18 -6.16 22.29
CA TYR A 262 3.28 -6.91 21.68
C TYR A 262 3.73 -6.22 20.40
N SER A 263 5.04 -6.03 20.26
CA SER A 263 5.56 -5.85 18.92
C SER A 263 5.56 -7.20 18.21
N MET A 264 5.62 -7.17 16.88
CA MET A 264 5.72 -8.44 16.16
C MET A 264 6.94 -9.25 16.61
N GLY A 265 8.04 -8.59 16.95
CA GLY A 265 9.23 -9.31 17.35
C GLY A 265 9.09 -9.96 18.72
N ARG A 266 8.56 -9.23 19.70
CA ARG A 266 8.36 -9.84 21.00
C ARG A 266 7.31 -10.95 20.94
N PHE A 267 6.33 -10.81 20.03
CA PHE A 267 5.37 -11.90 19.85
C PHE A 267 6.06 -13.15 19.32
N LEU A 268 7.02 -12.99 18.40
CA LEU A 268 7.70 -14.14 17.83
C LEU A 268 8.68 -14.77 18.82
N ARG A 269 9.37 -13.94 19.62
CA ARG A 269 10.38 -14.46 20.54
C ARG A 269 9.75 -15.04 21.80
N GLU A 270 8.84 -14.30 22.44
CA GLU A 270 8.32 -14.68 23.75
C GLU A 270 7.07 -15.56 23.66
N TYR A 271 6.18 -15.29 22.71
CA TYR A 271 4.94 -16.05 22.61
C TYR A 271 5.10 -17.28 21.72
N ALA A 272 5.50 -17.07 20.45
CA ALA A 272 5.76 -18.20 19.57
C ALA A 272 7.04 -18.96 19.92
N GLU A 273 7.91 -18.38 20.75
CA GLU A 273 9.12 -19.05 21.22
C GLU A 273 10.16 -19.26 20.11
N PHE A 274 10.24 -18.35 19.13
CA PHE A 274 11.23 -18.43 18.06
C PHE A 274 12.57 -17.85 18.51
N SER A 275 13.66 -18.40 17.96
CA SER A 275 15.01 -17.94 18.26
C SER A 275 15.31 -16.61 17.57
N ASP A 276 16.34 -15.92 18.08
CA ASP A 276 16.82 -14.72 17.42
C ASP A 276 17.07 -14.95 15.93
N GLU A 277 17.68 -16.07 15.58
CA GLU A 277 18.02 -16.32 14.19
C GLU A 277 16.77 -16.55 13.34
N ALA A 278 15.75 -17.18 13.92
CA ALA A 278 14.50 -17.35 13.18
C ALA A 278 13.84 -16.00 12.92
N VAL A 279 13.89 -15.09 13.89
CA VAL A 279 13.31 -13.78 13.70
C VAL A 279 14.12 -12.99 12.69
N GLU A 280 15.46 -13.12 12.74
CA GLU A 280 16.31 -12.43 11.76
C GLU A 280 15.98 -12.87 10.34
N ALA A 281 15.80 -14.18 10.13
CA ALA A 281 15.45 -14.68 8.82
C ALA A 281 14.04 -14.23 8.41
N ILE A 282 13.09 -14.32 9.32
CA ILE A 282 11.74 -13.86 9.05
C ILE A 282 11.77 -12.38 8.67
N GLY A 283 12.49 -11.58 9.47
CA GLY A 283 12.62 -10.16 9.18
C GLY A 283 13.36 -9.85 7.90
N THR A 284 13.96 -10.84 7.25
CA THR A 284 14.73 -10.59 6.06
C THR A 284 14.06 -11.09 4.79
N ILE A 285 13.56 -12.32 4.81
CA ILE A 285 12.96 -12.94 3.63
C ILE A 285 11.50 -12.53 3.46
N GLU A 286 10.69 -12.71 4.48
CA GLU A 286 9.24 -12.57 4.32
C GLU A 286 8.90 -11.10 4.25
N ASN A 287 8.96 -10.43 5.39
CA ASN A 287 8.76 -9.00 5.42
C ASN A 287 10.12 -8.35 5.66
N MET A 288 10.10 -7.16 6.25
CA MET A 288 11.35 -6.49 6.57
C MET A 288 11.49 -6.39 8.09
N THR A 289 12.73 -6.20 8.52
CA THR A 289 12.99 -5.97 9.94
C THR A 289 12.42 -4.63 10.37
N SER A 290 11.83 -3.87 9.43
CA SER A 290 11.03 -2.69 9.78
C SER A 290 10.11 -3.05 10.93
N GLU A 291 9.22 -4.01 10.68
CA GLU A 291 8.00 -4.16 11.43
C GLU A 291 8.19 -4.91 12.74
N LEU A 292 9.39 -5.44 13.01
CA LEU A 292 9.54 -6.29 14.18
C LEU A 292 9.44 -5.48 15.47
N HIS A 293 9.88 -4.23 15.44
N HIS A 293 9.88 -4.22 15.46
CA HIS A 293 9.69 -3.33 16.57
CA HIS A 293 9.67 -3.37 16.62
C HIS A 293 8.35 -2.63 16.55
C HIS A 293 8.34 -2.61 16.56
N LEU A 294 7.65 -2.67 15.42
CA LEU A 294 6.31 -2.09 15.33
C LEU A 294 5.29 -3.02 16.00
N ALA A 295 4.08 -2.51 16.16
CA ALA A 295 3.02 -3.26 16.82
C ALA A 295 2.74 -4.57 16.10
N PHE A 296 2.39 -5.60 16.89
CA PHE A 296 1.97 -6.89 16.34
C PHE A 296 0.88 -6.71 15.29
N PHE A 297 -0.08 -5.81 15.53
CA PHE A 297 -1.19 -5.63 14.60
C PHE A 297 -0.75 -5.04 13.27
N HIS A 298 0.32 -4.26 13.25
CA HIS A 298 0.73 -3.70 11.98
C HIS A 298 1.14 -4.79 11.00
N SER A 299 1.73 -5.88 11.49
CA SER A 299 2.20 -6.93 10.59
C SER A 299 1.09 -7.89 10.22
N PHE A 300 0.23 -8.25 11.17
CA PHE A 300 -0.90 -9.13 10.87
C PHE A 300 -1.94 -8.49 9.95
N LEU A 301 -1.80 -7.20 9.61
CA LEU A 301 -2.77 -6.53 8.74
C LEU A 301 -2.15 -5.66 7.64
N GLY A 302 -0.86 -5.34 7.72
CA GLY A 302 -0.24 -4.43 6.77
C GLY A 302 0.11 -5.11 5.46
N ARG A 303 1.05 -4.49 4.73
CA ARG A 303 1.49 -4.99 3.44
C ARG A 303 2.53 -6.07 3.64
N SER A 304 2.11 -7.33 3.54
CA SER A 304 3.00 -8.48 3.70
C SER A 304 2.48 -9.61 2.84
N ASP A 305 3.37 -10.54 2.49
CA ASP A 305 2.97 -11.76 1.80
C ASP A 305 1.78 -12.36 2.54
N ILE A 306 0.58 -12.05 2.06
CA ILE A 306 -0.60 -12.29 2.86
C ILE A 306 -0.92 -13.79 2.85
N ASP A 307 -1.06 -14.39 1.65
CA ASP A 307 -1.55 -15.71 1.40
C ASP A 307 -1.22 -15.89 -0.07
N PRO A 308 -0.49 -16.94 -0.45
CA PRO A 308 -0.37 -17.28 -1.88
C PRO A 308 -1.71 -17.46 -2.56
N ARG A 309 -2.77 -17.63 -1.75
CA ARG A 309 -4.14 -17.65 -2.22
C ARG A 309 -4.51 -16.42 -3.04
N ALA A 310 -3.93 -15.27 -2.72
CA ALA A 310 -4.46 -13.97 -3.11
C ALA A 310 -4.08 -13.58 -4.53
N THR A 311 -4.91 -12.72 -5.12
CA THR A 311 -4.75 -12.21 -6.47
C THR A 311 -4.59 -10.69 -6.42
N TYR A 312 -3.62 -10.16 -7.17
CA TYR A 312 -3.36 -8.73 -7.15
C TYR A 312 -3.52 -8.13 -8.54
N TRP A 313 -3.92 -6.87 -8.57
CA TRP A 313 -4.19 -6.14 -9.80
C TRP A 313 -3.40 -4.84 -9.83
N GLU A 314 -3.14 -4.38 -11.06
CA GLU A 314 -2.54 -3.08 -11.31
C GLU A 314 -3.35 -2.36 -12.38
N ILE A 315 -3.19 -1.04 -12.45
CA ILE A 315 -3.93 -0.20 -13.39
C ILE A 315 -3.09 0.01 -14.64
N GLU A 316 -3.68 -0.23 -15.80
CA GLU A 316 -2.95 0.00 -17.04
C GLU A 316 -2.78 1.50 -17.27
N GLY A 317 -1.57 1.88 -17.70
CA GLY A 317 -1.25 3.28 -17.79
C GLY A 317 -0.75 3.89 -16.50
N GLY A 318 -0.69 3.13 -15.41
CA GLY A 318 -0.16 3.60 -14.15
C GLY A 318 -1.20 3.75 -13.07
N SER A 319 -0.75 3.66 -11.82
CA SER A 319 -1.63 3.87 -10.67
C SER A 319 -2.22 5.29 -10.66
N ARG A 320 -1.52 6.25 -11.26
CA ARG A 320 -2.01 7.62 -11.31
C ARG A 320 -3.37 7.72 -11.98
N MET A 321 -3.72 6.78 -12.84
CA MET A 321 -4.99 6.84 -13.55
C MET A 321 -6.16 6.90 -12.59
N LEU A 322 -6.06 6.25 -11.43
CA LEU A 322 -7.16 6.33 -10.47
C LEU A 322 -7.35 7.75 -9.95
N PRO A 323 -6.38 8.38 -9.27
CA PRO A 323 -6.65 9.74 -8.78
C PRO A 323 -6.83 10.76 -9.89
N GLU A 324 -6.13 10.62 -11.02
CA GLU A 324 -6.22 11.65 -12.05
C GLU A 324 -7.54 11.62 -12.78
N THR A 325 -8.17 10.44 -12.92
CA THR A 325 -9.52 10.38 -13.47
C THR A 325 -10.52 11.02 -12.51
N LEU A 326 -10.46 10.68 -11.22
CA LEU A 326 -11.32 11.37 -10.25
C LEU A 326 -11.09 12.88 -10.27
N ALA A 327 -9.84 13.32 -10.51
CA ALA A 327 -9.54 14.74 -10.46
C ALA A 327 -10.17 15.49 -11.63
N LYS A 328 -10.20 14.86 -12.81
CA LYS A 328 -10.85 15.50 -13.96
C LYS A 328 -12.35 15.68 -13.75
N ASP A 329 -12.98 14.74 -13.05
CA ASP A 329 -14.36 14.93 -12.63
C ASP A 329 -14.53 16.09 -11.65
N LEU A 330 -13.44 16.66 -11.12
CA LEU A 330 -13.54 17.65 -10.06
C LEU A 330 -12.71 18.90 -10.37
N ARG A 331 -12.49 19.18 -11.66
CA ARG A 331 -11.68 20.32 -12.07
C ARG A 331 -12.16 21.65 -11.49
N ASP A 332 -13.44 21.80 -11.18
CA ASP A 332 -13.90 23.07 -10.61
C ASP A 332 -13.66 23.16 -9.10
N GLN A 333 -13.58 22.02 -8.41
CA GLN A 333 -13.47 22.01 -6.96
C GLN A 333 -12.03 22.02 -6.46
N ILE A 334 -11.09 21.56 -7.26
CA ILE A 334 -9.71 21.35 -6.83
C ILE A 334 -8.94 22.66 -6.98
N VAL A 335 -8.38 23.15 -5.88
CA VAL A 335 -7.49 24.30 -5.88
C VAL A 335 -6.08 23.80 -5.63
N MET A 336 -5.19 23.99 -6.60
CA MET A 336 -3.82 23.51 -6.47
C MET A 336 -2.90 24.54 -5.84
N GLY A 337 -1.80 24.08 -5.26
CA GLY A 337 -0.78 24.98 -4.76
C GLY A 337 -1.16 25.77 -3.54
N GLN A 338 -2.06 25.25 -2.70
CA GLN A 338 -2.51 25.93 -1.49
C GLN A 338 -2.32 25.00 -0.30
N ARG A 339 -1.38 25.33 0.60
CA ARG A 339 -1.05 24.51 1.76
C ARG A 339 -1.74 25.07 3.00
N MET A 340 -2.60 24.27 3.62
CA MET A 340 -3.24 24.69 4.86
C MET A 340 -2.20 24.88 5.94
N VAL A 341 -2.18 26.09 6.50
CA VAL A 341 -1.29 26.43 7.60
C VAL A 341 -2.04 26.77 8.88
N ARG A 342 -3.35 26.97 8.79
CA ARG A 342 -4.14 27.35 9.96
C ARG A 342 -5.55 26.85 9.76
N LEU A 343 -6.14 26.31 10.82
CA LEU A 343 -7.47 25.74 10.79
C LEU A 343 -8.22 26.28 12.00
N GLU A 344 -9.32 26.99 11.73
CA GLU A 344 -10.14 27.62 12.74
C GLU A 344 -11.56 27.12 12.59
N TYR A 345 -12.18 26.77 13.71
CA TYR A 345 -13.51 26.17 13.67
C TYR A 345 -14.27 26.58 14.91
N TYR A 346 -15.59 26.55 14.79
CA TYR A 346 -16.49 26.88 15.88
C TYR A 346 -17.26 25.62 16.26
N ASP A 347 -17.21 25.25 17.53
CA ASP A 347 -17.97 24.09 18.04
C ASP A 347 -18.69 24.50 19.31
N PRO A 348 -20.04 24.52 19.31
CA PRO A 348 -20.86 24.67 20.51
C PRO A 348 -20.85 23.42 21.39
N THR A 358 -14.39 30.15 12.84
CA THR A 358 -14.57 31.60 12.96
C THR A 358 -15.32 31.99 14.24
N GLY A 359 -16.64 32.03 14.17
CA GLY A 359 -17.45 32.47 15.28
C GLY A 359 -18.92 32.11 15.19
N PRO A 360 -19.71 32.53 16.19
CA PRO A 360 -21.13 32.16 16.22
C PRO A 360 -21.91 32.89 15.14
N GLY A 361 -22.87 32.19 14.55
CA GLY A 361 -23.65 32.71 13.43
C GLY A 361 -22.98 32.60 12.07
N GLY A 362 -21.71 33.01 11.99
CA GLY A 362 -20.94 32.96 10.76
C GLY A 362 -20.55 31.55 10.35
N PRO A 363 -19.40 31.42 9.68
CA PRO A 363 -18.99 30.09 9.20
C PRO A 363 -18.48 29.21 10.33
N ALA A 364 -18.74 27.91 10.20
CA ALA A 364 -18.33 26.99 11.25
C ALA A 364 -16.83 26.67 11.17
N VAL A 365 -16.24 26.71 9.97
CA VAL A 365 -14.84 26.39 9.76
C VAL A 365 -14.20 27.49 8.93
N ALA A 366 -12.96 27.85 9.28
CA ALA A 366 -12.13 28.73 8.48
C ALA A 366 -10.73 28.14 8.32
N ILE A 367 -10.24 28.06 7.08
CA ILE A 367 -8.93 27.51 6.78
C ILE A 367 -8.10 28.55 6.02
N GLN A 368 -6.92 28.84 6.54
CA GLN A 368 -5.97 29.73 5.87
C GLN A 368 -4.93 28.89 5.13
N THR A 369 -4.73 29.18 3.84
CA THR A 369 -3.69 28.53 3.05
C THR A 369 -2.63 29.55 2.65
N VAL A 370 -1.50 29.01 2.19
CA VAL A 370 -0.34 29.80 1.79
C VAL A 370 0.10 29.22 0.44
N PRO A 371 0.56 30.01 -0.52
CA PRO A 371 0.89 29.45 -1.84
C PRO A 371 2.21 28.69 -1.85
N GLU A 372 2.24 27.61 -2.63
CA GLU A 372 3.45 26.85 -2.82
C GLU A 372 4.12 27.11 -4.17
N ALA A 377 -2.22 36.88 -2.19
CA ALA A 377 -1.38 35.79 -2.63
C ALA A 377 -0.21 35.56 -1.68
N ALA A 378 -0.25 36.22 -0.53
CA ALA A 378 0.58 35.75 0.59
C ALA A 378 -0.20 34.79 1.48
N THR A 379 -1.46 35.08 1.79
CA THR A 379 -2.35 34.10 2.40
C THR A 379 -3.72 34.13 1.74
N GLN A 380 -4.49 33.08 1.99
CA GLN A 380 -5.82 32.94 1.43
C GLN A 380 -6.70 32.25 2.46
N THR A 381 -7.89 32.79 2.69
CA THR A 381 -8.79 32.27 3.72
C THR A 381 -10.01 31.64 3.06
N TRP A 382 -10.36 30.45 3.53
CA TRP A 382 -11.51 29.70 3.05
C TRP A 382 -12.43 29.43 4.23
N THR A 383 -13.72 29.35 3.96
CA THR A 383 -14.74 29.18 4.98
C THR A 383 -15.76 28.16 4.50
N GLY A 384 -16.48 27.58 5.46
CA GLY A 384 -17.51 26.61 5.12
C GLY A 384 -18.22 26.19 6.39
N ASP A 385 -19.09 25.18 6.22
CA ASP A 385 -19.84 24.66 7.36
C ASP A 385 -19.16 23.44 7.97
N LEU A 386 -18.53 22.62 7.13
CA LEU A 386 -17.91 21.39 7.58
C LEU A 386 -16.56 21.24 6.88
N ALA A 387 -15.68 20.46 7.50
CA ALA A 387 -14.38 20.20 6.90
C ALA A 387 -14.01 18.73 7.05
N ILE A 388 -13.39 18.18 6.00
CA ILE A 388 -12.77 16.86 6.03
C ILE A 388 -11.28 17.04 5.82
N VAL A 389 -10.48 16.78 6.86
CA VAL A 389 -9.02 16.86 6.78
C VAL A 389 -8.48 15.47 6.47
N THR A 390 -7.85 15.34 5.30
CA THR A 390 -7.29 14.06 4.87
C THR A 390 -5.78 14.04 4.80
N ILE A 391 -5.11 15.08 5.30
CA ILE A 391 -3.66 15.16 5.18
C ILE A 391 -3.04 14.26 6.23
N PRO A 392 -1.84 13.71 5.98
CA PRO A 392 -1.19 12.87 6.99
C PRO A 392 -0.95 13.65 8.27
N PHE A 393 -0.82 12.93 9.37
CA PHE A 393 -0.57 13.60 10.65
C PHE A 393 0.80 14.25 10.67
N SER A 394 1.71 13.80 9.81
CA SER A 394 2.99 14.49 9.74
C SER A 394 2.83 15.92 9.25
N SER A 395 1.83 16.17 8.39
CA SER A 395 1.52 17.54 7.97
C SER A 395 0.68 18.25 9.02
N LEU A 396 -0.36 17.59 9.52
CA LEU A 396 -1.25 18.23 10.48
C LEU A 396 -0.48 18.72 11.68
N ARG A 397 0.62 18.05 12.02
CA ARG A 397 1.44 18.44 13.16
C ARG A 397 1.81 19.93 13.14
N PHE A 398 2.00 20.50 11.95
CA PHE A 398 2.51 21.86 11.82
C PHE A 398 1.44 22.87 11.47
N VAL A 399 0.18 22.46 11.50
CA VAL A 399 -0.94 23.36 11.31
C VAL A 399 -1.34 23.88 12.68
N LYS A 400 -1.56 25.20 12.80
CA LYS A 400 -2.08 25.72 14.05
C LYS A 400 -3.60 25.56 14.05
N VAL A 401 -4.13 24.98 15.10
CA VAL A 401 -5.54 24.67 15.22
C VAL A 401 -6.08 25.46 16.39
N THR A 402 -7.19 26.16 16.16
CA THR A 402 -7.84 26.87 17.24
C THR A 402 -9.36 26.74 17.09
N PRO A 403 -10.06 26.33 18.14
CA PRO A 403 -9.55 25.88 19.44
C PRO A 403 -8.84 24.53 19.34
N PRO A 404 -8.05 24.17 20.36
CA PRO A 404 -7.33 22.89 20.31
C PRO A 404 -8.29 21.73 20.11
N PHE A 405 -7.78 20.69 19.47
CA PHE A 405 -8.48 19.41 19.41
C PHE A 405 -8.58 18.81 20.81
N SER A 406 -9.40 17.77 20.94
CA SER A 406 -9.39 16.97 22.15
C SER A 406 -7.98 16.44 22.44
N TYR A 407 -7.67 16.33 23.73
CA TYR A 407 -6.34 15.97 24.20
C TYR A 407 -5.80 14.72 23.49
N LYS A 408 -6.60 13.65 23.43
CA LYS A 408 -6.10 12.41 22.84
C LYS A 408 -5.87 12.54 21.34
N LYS A 409 -6.69 13.34 20.66
CA LYS A 409 -6.46 13.60 19.24
C LYS A 409 -5.15 14.36 19.02
N ARG A 410 -4.87 15.36 19.87
CA ARG A 410 -3.58 16.04 19.81
C ARG A 410 -2.42 15.09 20.06
N ARG A 411 -2.58 14.19 21.03
CA ARG A 411 -1.53 13.22 21.30
C ARG A 411 -1.34 12.27 20.11
N ALA A 412 -2.42 11.89 19.43
CA ALA A 412 -2.26 10.99 18.29
C ALA A 412 -1.50 11.67 17.16
N VAL A 413 -1.74 12.96 16.95
CA VAL A 413 -0.98 13.69 15.93
C VAL A 413 0.50 13.72 16.30
N ILE A 414 0.81 13.98 17.57
CA ILE A 414 2.19 14.04 18.02
C ILE A 414 2.87 12.68 17.92
N GLU A 415 2.15 11.61 18.29
CA GLU A 415 2.80 10.33 18.57
C GLU A 415 2.75 9.33 17.41
N THR A 416 1.87 9.54 16.43
CA THR A 416 1.87 8.66 15.27
C THR A 416 3.14 8.86 14.45
N HIS A 417 3.87 7.78 14.23
N HIS A 417 3.86 7.78 14.21
CA HIS A 417 5.08 7.78 13.42
CA HIS A 417 5.08 7.79 13.43
C HIS A 417 4.76 7.40 11.99
C HIS A 417 4.79 7.37 11.99
N TYR A 418 5.50 7.99 11.06
CA TYR A 418 5.47 7.61 9.65
C TYR A 418 6.79 6.94 9.30
N ASP A 419 6.73 5.84 8.54
CA ASP A 419 7.95 5.12 8.23
C ASP A 419 8.62 5.69 6.99
N GLN A 420 9.93 5.58 6.97
CA GLN A 420 10.75 6.11 5.88
C GLN A 420 10.88 5.05 4.82
N ALA A 421 10.51 5.38 3.59
CA ALA A 421 10.64 4.43 2.49
C ALA A 421 11.17 5.16 1.26
N THR A 422 12.03 4.47 0.50
CA THR A 422 12.59 4.99 -0.75
C THR A 422 12.50 3.92 -1.82
N LYS A 423 12.10 4.33 -3.03
CA LYS A 423 12.08 3.49 -4.22
C LYS A 423 13.07 4.03 -5.25
N VAL A 424 13.93 3.17 -5.76
CA VAL A 424 14.88 3.49 -6.82
C VAL A 424 14.51 2.68 -8.06
N LEU A 425 14.29 3.35 -9.18
CA LEU A 425 13.87 2.69 -10.41
C LEU A 425 14.93 2.84 -11.50
N LEU A 426 15.24 1.74 -12.18
CA LEU A 426 16.25 1.71 -13.23
C LEU A 426 15.62 1.25 -14.53
N GLU A 427 15.90 1.98 -15.60
CA GLU A 427 15.37 1.64 -16.92
C GLU A 427 16.35 0.77 -17.67
N PHE A 428 15.82 -0.29 -18.26
CA PHE A 428 16.61 -1.14 -19.14
C PHE A 428 15.98 -1.16 -20.53
N SER A 429 16.84 -1.20 -21.55
CA SER A 429 16.38 -1.22 -22.93
C SER A 429 15.83 -2.57 -23.32
N ARG A 430 16.07 -3.59 -22.54
CA ARG A 430 15.53 -4.92 -22.78
C ARG A 430 15.10 -5.53 -21.47
N ARG A 431 14.21 -6.52 -21.56
CA ARG A 431 13.70 -7.20 -20.38
C ARG A 431 14.54 -8.44 -20.10
N TRP A 432 15.82 -8.19 -19.75
CA TRP A 432 16.78 -9.28 -19.52
C TRP A 432 16.34 -10.26 -18.44
N TRP A 433 15.49 -9.84 -17.50
CA TRP A 433 15.04 -10.76 -16.46
C TRP A 433 14.21 -11.90 -17.02
N GLU A 434 13.69 -11.72 -18.23
CA GLU A 434 12.96 -12.77 -18.93
C GLU A 434 13.87 -13.73 -19.67
N PHE A 435 15.11 -13.30 -19.97
CA PHE A 435 16.00 -14.06 -20.85
C PHE A 435 16.27 -15.46 -20.32
N THR A 436 16.13 -16.45 -21.19
CA THR A 436 16.86 -17.69 -21.02
C THR A 436 18.32 -17.46 -21.37
N GLU A 437 19.16 -18.44 -21.03
CA GLU A 437 20.56 -18.34 -21.39
C GLU A 437 20.74 -18.28 -22.90
N ALA A 438 19.84 -18.96 -23.63
CA ALA A 438 19.77 -18.81 -25.08
C ALA A 438 19.57 -17.35 -25.46
N ASP A 439 18.52 -16.72 -24.90
CA ASP A 439 18.25 -15.33 -25.19
C ASP A 439 19.42 -14.43 -24.82
N TRP A 440 20.14 -14.75 -23.74
CA TRP A 440 21.32 -13.96 -23.40
C TRP A 440 22.37 -14.06 -24.50
N LYS A 441 22.58 -15.27 -25.04
CA LYS A 441 23.48 -15.47 -26.18
C LYS A 441 23.05 -14.64 -27.39
N ARG A 442 21.81 -14.85 -27.82
CA ARG A 442 21.32 -14.17 -29.02
C ARG A 442 21.34 -12.67 -28.87
N GLU A 443 20.97 -12.14 -27.70
CA GLU A 443 20.82 -10.69 -27.59
C GLU A 443 22.10 -9.98 -27.18
N LEU A 444 22.97 -10.62 -26.40
CA LEU A 444 24.23 -9.99 -26.04
C LEU A 444 25.14 -9.86 -27.26
N ASP A 445 25.26 -10.95 -28.03
CA ASP A 445 26.10 -10.94 -29.21
C ASP A 445 25.53 -10.06 -30.33
N ALA A 446 24.20 -9.85 -30.34
CA ALA A 446 23.61 -8.94 -31.31
C ALA A 446 24.08 -7.50 -31.15
N ILE A 447 24.89 -7.21 -30.15
CA ILE A 447 25.35 -5.86 -29.90
C ILE A 447 26.84 -5.71 -30.19
N ALA A 448 27.62 -6.79 -30.07
CA ALA A 448 29.06 -6.74 -30.19
C ALA A 448 29.54 -8.14 -30.52
N PRO A 449 30.79 -8.30 -31.03
CA PRO A 449 31.21 -9.61 -31.54
C PRO A 449 31.05 -10.73 -30.52
N GLY A 450 31.84 -10.69 -29.45
CA GLY A 450 31.78 -11.72 -28.43
C GLY A 450 31.39 -11.18 -27.08
N LEU A 451 30.35 -10.35 -27.04
CA LEU A 451 29.86 -9.80 -25.77
C LEU A 451 29.46 -10.91 -24.81
N TYR A 452 28.78 -11.94 -25.33
CA TYR A 452 28.38 -13.07 -24.49
C TYR A 452 29.58 -13.74 -23.85
N ASP A 453 30.52 -14.21 -24.68
CA ASP A 453 31.72 -14.86 -24.16
C ASP A 453 32.51 -13.90 -23.28
N TYR A 454 32.41 -12.60 -23.55
CA TYR A 454 33.16 -11.60 -22.79
C TYR A 454 32.82 -11.63 -21.31
N TYR A 455 31.58 -11.95 -20.96
CA TYR A 455 31.19 -12.03 -19.56
C TYR A 455 31.36 -13.44 -18.99
N GLN A 456 30.97 -14.46 -19.73
CA GLN A 456 31.12 -15.84 -19.28
C GLN A 456 32.59 -16.26 -19.29
N GLY A 508 31.41 -12.71 -10.66
CA GLY A 508 30.29 -11.88 -11.04
C GLY A 508 29.31 -12.48 -12.05
N VAL A 509 29.33 -13.80 -12.18
CA VAL A 509 28.49 -14.54 -13.12
C VAL A 509 27.38 -15.22 -12.33
N ARG A 510 26.15 -15.11 -12.82
CA ARG A 510 24.96 -15.68 -12.22
C ARG A 510 24.20 -16.44 -13.29
N PRO A 511 23.34 -17.38 -12.92
CA PRO A 511 22.45 -18.00 -13.91
C PRO A 511 21.48 -16.97 -14.46
N ALA A 512 20.89 -17.30 -15.61
CA ALA A 512 19.84 -16.44 -16.13
C ALA A 512 18.65 -16.48 -15.19
N THR A 513 18.06 -15.31 -14.94
CA THR A 513 16.91 -15.26 -14.06
C THR A 513 15.69 -15.90 -14.73
N ASN A 514 15.42 -15.53 -15.97
CA ASN A 514 14.32 -16.07 -16.75
C ASN A 514 13.03 -16.06 -15.93
N ALA A 515 12.57 -14.85 -15.64
CA ALA A 515 11.38 -14.68 -14.80
C ALA A 515 10.44 -13.66 -15.40
N TYR A 516 9.15 -13.91 -15.24
CA TYR A 516 8.06 -13.04 -15.69
C TYR A 516 7.29 -12.61 -14.45
N GLY A 517 7.36 -11.33 -14.13
CA GLY A 517 6.68 -10.84 -12.94
C GLY A 517 7.44 -11.16 -11.68
N GLY A 518 6.77 -10.93 -10.54
CA GLY A 518 7.33 -11.14 -9.21
C GLY A 518 8.61 -10.35 -8.93
N GLY A 519 9.33 -10.80 -7.91
CA GLY A 519 10.59 -10.12 -7.62
C GLY A 519 11.54 -10.97 -6.80
N SER A 520 12.72 -10.40 -6.56
CA SER A 520 13.76 -11.06 -5.79
C SER A 520 14.01 -10.34 -4.47
N THR A 521 14.46 -11.10 -3.46
CA THR A 521 14.68 -10.60 -2.12
C THR A 521 16.15 -10.78 -1.72
N THR A 522 16.70 -9.76 -1.06
CA THR A 522 18.10 -9.80 -0.64
C THR A 522 18.27 -9.03 0.66
N ASP A 523 19.39 -9.28 1.33
CA ASP A 523 19.74 -8.51 2.51
C ASP A 523 20.77 -7.42 2.23
N ASN A 524 21.20 -7.24 0.99
CA ASN A 524 21.97 -6.04 0.69
C ASN A 524 21.00 -4.84 0.66
N PRO A 525 21.51 -3.61 0.63
CA PRO A 525 20.61 -2.47 0.83
C PRO A 525 19.47 -2.36 -0.20
N ASN A 526 19.56 -3.01 -1.37
CA ASN A 526 18.43 -2.98 -2.30
C ASN A 526 17.18 -3.65 -1.73
N ARG A 527 17.36 -4.60 -0.81
CA ARG A 527 16.27 -5.40 -0.24
C ARG A 527 15.37 -6.03 -1.30
N PHE A 528 14.22 -5.43 -1.59
CA PHE A 528 13.30 -6.06 -2.53
C PHE A 528 13.44 -5.44 -3.92
N MET A 529 13.50 -6.31 -4.92
CA MET A 529 13.62 -5.93 -6.32
C MET A 529 12.40 -6.51 -7.04
N TYR A 530 11.70 -5.66 -7.81
CA TYR A 530 10.54 -6.12 -8.56
C TYR A 530 10.77 -5.88 -10.05
N TYR A 531 10.34 -6.84 -10.86
CA TYR A 531 10.28 -6.79 -12.31
C TYR A 531 8.85 -6.50 -12.76
N PRO A 532 8.66 -5.73 -13.83
CA PRO A 532 7.30 -5.33 -14.22
C PRO A 532 6.45 -6.54 -14.63
N SER A 533 5.19 -6.57 -14.16
CA SER A 533 4.32 -7.70 -14.49
C SER A 533 4.11 -7.83 -15.99
N HIS A 534 3.94 -6.70 -16.66
CA HIS A 534 3.62 -6.68 -18.08
C HIS A 534 4.52 -5.66 -18.77
N PRO A 535 4.94 -5.93 -20.00
CA PRO A 535 5.70 -4.92 -20.74
C PRO A 535 4.81 -3.74 -21.08
N VAL A 536 5.44 -2.60 -21.32
CA VAL A 536 4.66 -1.47 -21.82
C VAL A 536 4.38 -1.78 -23.28
N PRO A 537 3.11 -1.81 -23.69
CA PRO A 537 2.79 -2.22 -25.07
C PRO A 537 3.55 -1.40 -26.11
N GLY A 538 4.08 -2.11 -27.11
CA GLY A 538 4.90 -1.51 -28.13
C GLY A 538 6.29 -1.07 -27.70
N THR A 539 6.73 -1.43 -26.50
CA THR A 539 8.09 -1.13 -26.08
C THR A 539 8.91 -2.41 -26.00
N GLN A 540 10.23 -2.23 -26.01
CA GLN A 540 11.17 -3.35 -25.96
C GLN A 540 11.91 -3.50 -24.64
N GLY A 541 11.86 -2.49 -23.76
CA GLY A 541 12.54 -2.59 -22.48
C GLY A 541 11.60 -2.60 -21.29
N GLY A 542 12.09 -2.16 -20.14
CA GLY A 542 11.27 -2.09 -18.94
C GLY A 542 12.04 -1.40 -17.84
N VAL A 543 11.30 -0.98 -16.81
CA VAL A 543 11.88 -0.31 -15.65
C VAL A 543 11.76 -1.22 -14.45
N VAL A 544 12.88 -1.56 -13.87
CA VAL A 544 12.93 -2.41 -12.69
C VAL A 544 12.85 -1.55 -11.44
N LEU A 545 12.02 -1.98 -10.50
CA LEU A 545 12.13 -1.46 -9.14
C LEU A 545 13.36 -2.12 -8.54
N ALA A 546 14.52 -1.43 -8.66
CA ALA A 546 15.79 -2.02 -8.23
C ALA A 546 15.97 -1.98 -6.72
N ALA A 547 15.40 -1.00 -6.03
CA ALA A 547 15.63 -0.84 -4.61
C ALA A 547 14.37 -0.32 -3.95
N TYR A 548 13.96 -0.97 -2.86
CA TYR A 548 12.76 -0.62 -2.12
C TYR A 548 13.08 -0.96 -0.68
N SER A 549 13.45 0.04 0.11
CA SER A 549 14.02 -0.19 1.42
C SER A 549 13.53 0.87 2.40
N TRP A 550 13.80 0.65 3.68
CA TRP A 550 13.24 1.49 4.74
C TRP A 550 14.34 2.03 5.64
N SER A 551 13.95 2.95 6.52
CA SER A 551 14.70 3.31 7.74
C SER A 551 16.12 3.76 7.36
N ASP A 552 17.17 3.19 7.97
CA ASP A 552 18.53 3.66 7.72
C ASP A 552 18.98 3.36 6.30
N ASP A 553 18.56 2.22 5.74
CA ASP A 553 18.80 1.94 4.32
C ASP A 553 18.28 3.10 3.46
N ALA A 554 17.01 3.47 3.62
CA ALA A 554 16.40 4.53 2.83
C ALA A 554 17.10 5.87 3.02
N ALA A 555 17.46 6.19 4.28
CA ALA A 555 18.14 7.44 4.57
C ALA A 555 19.48 7.53 3.84
N ARG A 556 20.23 6.42 3.78
CA ARG A 556 21.52 6.45 3.10
C ARG A 556 21.34 6.51 1.59
N TRP A 557 20.34 5.79 1.06
CA TRP A 557 19.95 5.97 -0.33
C TRP A 557 19.67 7.43 -0.64
N ASP A 558 18.94 8.12 0.24
CA ASP A 558 18.49 9.46 -0.11
C ASP A 558 19.65 10.45 -0.17
N SER A 559 20.71 10.23 0.60
CA SER A 559 21.77 11.23 0.72
C SER A 559 22.90 11.01 -0.29
N PHE A 560 22.79 10.03 -1.16
CA PHE A 560 23.70 9.92 -2.29
C PHE A 560 23.35 10.97 -3.34
N ASP A 561 24.36 11.39 -4.10
CA ASP A 561 24.10 12.04 -5.38
C ASP A 561 23.29 11.10 -6.27
N ASP A 562 22.63 11.69 -7.27
CA ASP A 562 21.80 10.86 -8.15
C ASP A 562 22.64 9.82 -8.87
N ALA A 563 23.83 10.19 -9.34
CA ALA A 563 24.64 9.24 -10.10
C ALA A 563 25.15 8.12 -9.20
N GLU A 564 25.70 8.49 -8.02
CA GLU A 564 26.11 7.46 -7.06
C GLU A 564 24.95 6.51 -6.78
N ARG A 565 23.75 7.05 -6.53
CA ARG A 565 22.63 6.23 -6.09
C ARG A 565 22.26 5.17 -7.11
N TYR A 566 22.24 5.55 -8.39
CA TYR A 566 21.90 4.57 -9.42
C TYR A 566 23.04 3.58 -9.66
N GLY A 567 24.28 4.02 -9.51
CA GLY A 567 25.39 3.07 -9.53
C GLY A 567 25.26 2.02 -8.44
N TYR A 568 25.01 2.47 -7.22
CA TYR A 568 24.86 1.55 -6.09
C TYR A 568 23.69 0.60 -6.32
N ALA A 569 22.56 1.13 -6.78
CA ALA A 569 21.42 0.26 -7.03
C ALA A 569 21.74 -0.75 -8.13
N LEU A 570 22.39 -0.30 -9.20
CA LEU A 570 22.74 -1.22 -10.27
C LEU A 570 23.71 -2.29 -9.78
N GLU A 571 24.76 -1.87 -9.06
CA GLU A 571 25.73 -2.83 -8.52
C GLU A 571 25.05 -3.91 -7.68
N ASN A 572 24.14 -3.52 -6.78
CA ASN A 572 23.47 -4.52 -5.95
C ASN A 572 22.58 -5.43 -6.78
N LEU A 573 22.01 -4.88 -7.86
CA LEU A 573 21.26 -5.70 -8.79
C LEU A 573 22.16 -6.73 -9.47
N GLN A 574 23.37 -6.31 -9.84
CA GLN A 574 24.33 -7.24 -10.43
C GLN A 574 24.74 -8.34 -9.45
N SER A 575 24.85 -8.00 -8.17
CA SER A 575 25.13 -9.03 -7.16
C SER A 575 24.14 -10.19 -7.21
N VAL A 576 22.91 -9.93 -7.64
CA VAL A 576 21.89 -10.97 -7.73
C VAL A 576 21.78 -11.54 -9.13
N HIS A 577 21.87 -10.69 -10.14
CA HIS A 577 21.45 -11.06 -11.48
C HIS A 577 22.60 -11.26 -12.45
N GLY A 578 23.78 -10.74 -12.13
CA GLY A 578 24.95 -10.94 -12.97
C GLY A 578 25.41 -9.61 -13.55
N ARG A 579 26.74 -9.47 -13.65
CA ARG A 579 27.32 -8.21 -14.09
C ARG A 579 26.79 -7.77 -15.46
N ARG A 580 26.41 -8.71 -16.32
CA ARG A 580 26.09 -8.41 -17.71
C ARG A 580 24.79 -7.64 -17.90
N ILE A 581 23.97 -7.45 -16.85
CA ILE A 581 22.78 -6.63 -16.99
C ILE A 581 23.15 -5.18 -17.30
N GLU A 582 24.39 -4.78 -17.01
CA GLU A 582 24.78 -3.40 -17.20
C GLU A 582 24.66 -2.96 -18.65
N VAL A 583 24.80 -3.88 -19.60
CA VAL A 583 24.81 -3.47 -21.00
C VAL A 583 23.45 -2.92 -21.41
N PHE A 584 22.39 -3.39 -20.77
CA PHE A 584 21.05 -2.93 -21.10
C PHE A 584 20.58 -1.77 -20.25
N TYR A 585 21.42 -1.24 -19.36
CA TYR A 585 21.02 -0.11 -18.54
C TYR A 585 21.14 1.17 -19.37
N THR A 586 20.03 1.91 -19.48
CA THR A 586 20.01 3.09 -20.34
C THR A 586 20.66 4.31 -19.71
N GLY A 587 21.01 4.27 -18.43
CA GLY A 587 21.49 5.47 -17.76
C GLY A 587 20.40 6.35 -17.19
N ALA A 588 19.14 5.90 -17.19
CA ALA A 588 18.01 6.68 -16.68
C ALA A 588 17.50 6.04 -15.40
N GLY A 589 17.62 6.77 -14.29
CA GLY A 589 16.97 6.37 -13.06
C GLY A 589 15.94 7.36 -12.56
N GLN A 590 15.01 6.89 -11.73
CA GLN A 590 14.19 7.78 -10.92
C GLN A 590 14.25 7.31 -9.47
N THR A 591 14.05 8.27 -8.56
CA THR A 591 14.07 8.04 -7.12
C THR A 591 12.91 8.74 -6.47
N GLN A 592 12.25 8.06 -5.54
CA GLN A 592 11.21 8.65 -4.70
C GLN A 592 11.56 8.44 -3.23
N SER A 593 12.00 9.52 -2.57
CA SER A 593 12.29 9.50 -1.13
C SER A 593 11.09 10.07 -0.38
N TRP A 594 10.17 9.18 0.01
CA TRP A 594 8.90 9.62 0.60
C TRP A 594 9.10 10.45 1.86
N LEU A 595 10.24 10.29 2.54
CA LEU A 595 10.51 11.11 3.70
C LEU A 595 10.91 12.54 3.33
N ARG A 596 11.55 12.70 2.17
CA ARG A 596 11.87 14.02 1.66
C ARG A 596 10.64 14.76 1.14
N ASP A 597 9.52 14.08 0.98
CA ASP A 597 8.28 14.64 0.45
C ASP A 597 7.60 15.44 1.55
N PRO A 598 7.55 16.77 1.43
CA PRO A 598 7.04 17.60 2.54
C PRO A 598 5.57 17.39 2.81
N TYR A 599 4.83 16.82 1.87
CA TYR A 599 3.40 16.60 2.03
C TYR A 599 3.08 15.18 2.47
N ALA A 600 4.12 14.37 2.74
CA ALA A 600 3.93 13.01 3.21
C ALA A 600 4.86 12.74 4.41
N CYS A 601 6.16 13.03 4.26
CA CYS A 601 7.15 12.80 5.29
C CYS A 601 7.21 11.35 5.72
N GLY A 602 6.84 10.45 4.82
CA GLY A 602 6.96 9.04 5.08
C GLY A 602 6.08 8.26 4.12
N GLU A 603 6.07 6.95 4.34
CA GLU A 603 5.26 6.04 3.56
C GLU A 603 3.86 5.90 4.13
N ALA A 604 3.73 5.65 5.42
CA ALA A 604 2.45 5.27 6.02
C ALA A 604 2.52 5.41 7.52
N ALA A 605 1.35 5.49 8.15
CA ALA A 605 1.31 5.52 9.61
C ALA A 605 1.60 4.13 10.15
N VAL A 606 2.49 4.05 11.14
CA VAL A 606 2.92 2.78 11.70
C VAL A 606 2.78 2.86 13.21
N TYR A 607 1.84 2.09 13.76
CA TYR A 607 1.64 2.10 15.20
C TYR A 607 2.72 1.28 15.90
N THR A 608 3.33 1.85 16.94
CA THR A 608 4.16 1.08 17.85
C THR A 608 3.25 0.36 18.85
N PRO A 609 3.78 -0.59 19.63
CA PRO A 609 2.92 -1.34 20.55
C PRO A 609 2.11 -0.43 21.46
N HIS A 610 0.87 -0.84 21.71
CA HIS A 610 -0.10 -0.21 22.62
C HIS A 610 -0.69 1.09 22.06
N GLN A 611 -0.15 1.62 20.97
CA GLN A 611 -0.68 2.88 20.48
C GLN A 611 -2.13 2.76 20.02
N MET A 612 -2.50 1.62 19.45
CA MET A 612 -3.85 1.47 18.90
C MET A 612 -4.92 1.54 19.98
N THR A 613 -4.69 0.91 21.13
CA THR A 613 -5.66 1.03 22.21
C THR A 613 -5.49 2.33 22.99
N ALA A 614 -4.29 2.94 22.95
CA ALA A 614 -4.10 4.20 23.63
C ALA A 614 -4.93 5.32 23.02
N PHE A 615 -5.01 5.41 21.68
CA PHE A 615 -5.64 6.60 21.11
C PHE A 615 -6.26 6.42 19.72
N HIS A 616 -6.33 5.23 19.14
CA HIS A 616 -6.87 5.15 17.79
C HIS A 616 -8.36 5.48 17.74
N LEU A 617 -9.12 5.18 18.80
CA LEU A 617 -10.53 5.56 18.77
C LEU A 617 -10.67 7.08 18.75
N ASP A 618 -9.72 7.79 19.35
CA ASP A 618 -9.71 9.24 19.28
C ASP A 618 -9.27 9.77 17.93
N VAL A 619 -8.44 9.01 17.20
CA VAL A 619 -8.08 9.41 15.85
C VAL A 619 -9.32 9.59 14.98
N VAL A 620 -10.28 8.67 15.09
CA VAL A 620 -11.39 8.68 14.14
C VAL A 620 -12.51 9.66 14.52
N ARG A 621 -12.52 10.17 15.75
CA ARG A 621 -13.62 11.03 16.19
C ARG A 621 -13.53 12.40 15.49
N PRO A 622 -14.67 12.98 15.11
CA PRO A 622 -14.66 14.35 14.61
C PRO A 622 -14.41 15.33 15.73
N GLU A 623 -13.94 16.51 15.35
CA GLU A 623 -13.74 17.62 16.29
C GLU A 623 -14.66 18.74 15.82
N GLY A 624 -15.78 18.90 16.50
CA GLY A 624 -16.82 19.80 16.05
C GLY A 624 -17.13 19.59 14.59
N PRO A 625 -17.01 20.66 13.81
CA PRO A 625 -17.28 20.56 12.37
C PRO A 625 -16.15 19.93 11.55
N VAL A 626 -15.08 19.47 12.19
CA VAL A 626 -13.92 18.92 11.50
C VAL A 626 -13.97 17.39 11.52
N TYR A 627 -13.96 16.78 10.34
CA TYR A 627 -13.93 15.34 10.16
C TYR A 627 -12.59 14.92 9.55
N PHE A 628 -12.23 13.65 9.75
CA PHE A 628 -10.91 13.14 9.40
C PHE A 628 -11.01 11.89 8.54
N ALA A 629 -10.12 11.79 7.57
CA ALA A 629 -10.08 10.66 6.65
C ALA A 629 -8.65 10.50 6.15
N GLY A 630 -8.38 9.36 5.55
CA GLY A 630 -7.03 9.00 5.16
C GLY A 630 -6.61 7.66 5.72
N GLU A 631 -5.56 7.10 5.10
CA GLU A 631 -5.04 5.79 5.50
C GLU A 631 -4.85 5.68 7.01
N HIS A 632 -4.36 6.75 7.64
CA HIS A 632 -4.10 6.71 9.08
C HIS A 632 -5.38 6.63 9.91
N VAL A 633 -6.51 7.10 9.38
CA VAL A 633 -7.76 6.98 10.13
C VAL A 633 -8.28 5.56 10.09
N SER A 634 -7.98 4.80 9.04
CA SER A 634 -8.40 3.41 8.99
C SER A 634 -7.49 2.55 9.85
N LEU A 635 -7.79 1.25 9.87
CA LEU A 635 -6.88 0.26 10.42
C LEU A 635 -6.34 -0.64 9.32
N LYS A 636 -6.40 -0.17 8.08
CA LYS A 636 -5.68 -0.78 6.96
C LYS A 636 -4.55 0.15 6.57
N HIS A 637 -3.67 0.45 7.54
CA HIS A 637 -2.54 1.33 7.28
C HIS A 637 -1.71 0.81 6.12
N ALA A 638 -1.13 1.74 5.37
CA ALA A 638 -0.27 1.46 4.22
C ALA A 638 -1.04 0.84 3.05
N TRP A 639 -2.36 1.02 2.99
CA TRP A 639 -3.16 0.53 1.87
C TRP A 639 -4.05 1.63 1.31
N ILE A 640 -4.32 1.58 0.00
CA ILE A 640 -5.31 2.48 -0.59
C ILE A 640 -6.69 2.25 0.03
N GLU A 641 -7.05 0.98 0.22
CA GLU A 641 -8.41 0.64 0.66
C GLU A 641 -8.75 1.30 1.98
N GLY A 642 -7.76 1.52 2.84
CA GLY A 642 -8.05 2.19 4.10
C GLY A 642 -8.41 3.64 3.90
N ALA A 643 -7.79 4.29 2.92
CA ALA A 643 -8.11 5.68 2.66
C ALA A 643 -9.49 5.80 2.02
N VAL A 644 -9.81 4.88 1.12
CA VAL A 644 -11.12 4.94 0.46
C VAL A 644 -12.23 4.64 1.45
N GLU A 645 -12.01 3.68 2.35
CA GLU A 645 -13.00 3.39 3.40
C GLU A 645 -13.32 4.63 4.21
N THR A 646 -12.29 5.26 4.79
CA THR A 646 -12.55 6.37 5.70
C THR A 646 -13.05 7.60 4.96
N ALA A 647 -12.80 7.68 3.66
CA ALA A 647 -13.32 8.78 2.85
C ALA A 647 -14.82 8.66 2.66
N VAL A 648 -15.29 7.50 2.18
CA VAL A 648 -16.72 7.19 2.14
C VAL A 648 -17.36 7.41 3.51
N ARG A 649 -16.76 6.85 4.56
CA ARG A 649 -17.27 7.03 5.92
C ARG A 649 -17.45 8.50 6.27
N ALA A 650 -16.49 9.36 5.89
CA ALA A 650 -16.61 10.77 6.22
C ALA A 650 -17.65 11.46 5.34
N ALA A 651 -17.73 11.09 4.06
CA ALA A 651 -18.71 11.69 3.17
C ALA A 651 -20.13 11.42 3.69
N ILE A 652 -20.41 10.17 4.03
CA ILE A 652 -21.67 9.81 4.69
C ILE A 652 -21.90 10.71 5.91
N ALA A 653 -20.87 10.92 6.74
CA ALA A 653 -21.12 11.63 8.00
C ALA A 653 -21.43 13.11 7.77
N VAL A 654 -20.65 13.78 6.90
CA VAL A 654 -20.85 15.23 6.75
C VAL A 654 -22.08 15.53 5.92
N ASN A 655 -22.53 14.57 5.12
CA ASN A 655 -23.85 14.63 4.52
C ASN A 655 -24.97 14.66 5.57
N GLU A 656 -24.73 14.16 6.79
CA GLU A 656 -25.82 14.01 7.76
C GLU A 656 -26.20 15.33 8.44
N ALA A 657 -25.20 16.08 8.92
CA ALA A 657 -25.43 17.33 9.68
C ALA A 657 -26.27 17.10 10.95
#